data_5MAN
#
_entry.id   5MAN
#
_cell.length_a   82.445
_cell.length_b   82.445
_cell.length_c   154.864
_cell.angle_alpha   90.000
_cell.angle_beta   90.000
_cell.angle_gamma   90.000
#
_symmetry.space_group_name_H-M   'P 43 21 2'
#
loop_
_entity.id
_entity.type
_entity.pdbx_description
1 polymer 'Sucrose phosphorylase'
2 branched alpha-D-glucopyranose-(1-3)-alpha-D-glucopyranose
3 water water
#
_entity_poly.entity_id   1
_entity_poly.type   'polypeptide(L)'
_entity_poly.pdbx_seq_one_letter_code
;MKNKVQLITYADRLGDGTIKSMTDILRTRFDGVYDGVHILPFFTPFDGADAGFDPIDHTKVDERLGSWDDVAELSKTHNI
MVDAIVNHMSWESKQFQDVLAKGEESEYYPMFLTMSSVFPNGATEEDLAGIYRPRPGLPFTHYKFAGKTRLVWVSFTPQQ
VDIDTDSDKGWEYLMSIFDQMAASHVSYIRLNAVGYGAKEAGTSCFMTPKTFKLISRLREEGVKRGLEILIEVHSYYKKQ
VEIASKVDRVYDFALPPLLLHALSTGHVEPVAHWTDIRPNNAVTVLDTHDGIGVIDIGSDQLDRSLKGLVPDEDVDNLVN
TIHANTHGESQAATGAAASNLDLYFVNSTYYSALGCNDQHYIAARAVQFFLPGVPQVYYVGALAGKNDMELLRKTNNGRD
INRHYYSTAEIDENLKRPVVKALNALAKFRNELDAFDGTFSYTTDDDTSISFTWRGETSQATLTFEPKRGLGVDNTTPVA
MLEWEDSAGDHRSDDLIANPPVVA
;
_entity_poly.pdbx_strand_id   B
#
# COMPACT_ATOMS: atom_id res chain seq x y z
N MET A 1 -0.11 -5.87 15.64
CA MET A 1 -0.85 -6.33 14.44
C MET A 1 -0.71 -7.83 14.28
N LYS A 2 -1.83 -8.53 14.15
CA LYS A 2 -1.81 -9.97 14.01
C LYS A 2 -0.92 -10.39 12.85
N ASN A 3 -0.30 -11.56 12.99
CA ASN A 3 0.61 -12.09 11.98
C ASN A 3 -0.10 -13.01 11.01
N LYS A 4 -1.30 -12.64 10.57
CA LYS A 4 -2.06 -13.39 9.59
C LYS A 4 -2.16 -12.58 8.30
N VAL A 5 -2.52 -13.26 7.21
CA VAL A 5 -2.68 -12.59 5.92
C VAL A 5 -3.94 -11.74 5.93
N GLN A 6 -3.83 -10.53 5.41
CA GLN A 6 -4.97 -9.63 5.25
C GLN A 6 -5.30 -9.45 3.78
N LEU A 7 -6.50 -8.94 3.53
CA LEU A 7 -6.97 -8.63 2.19
C LEU A 7 -7.15 -7.12 2.03
N ILE A 8 -6.69 -6.60 0.89
CA ILE A 8 -6.94 -5.22 0.51
C ILE A 8 -8.02 -5.23 -0.57
N THR A 9 -9.09 -4.47 -0.37
CA THR A 9 -10.15 -4.45 -1.38
C THR A 9 -10.97 -3.18 -1.27
N TYR A 10 -11.58 -2.80 -2.38
CA TYR A 10 -12.68 -1.84 -2.37
C TYR A 10 -13.96 -2.57 -1.94
N ALA A 11 -14.82 -1.84 -1.24
CA ALA A 11 -16.08 -2.44 -0.80
C ALA A 11 -17.00 -2.74 -1.98
N ASP A 12 -16.99 -1.88 -2.99
CA ASP A 12 -17.93 -1.98 -4.11
C ASP A 12 -17.38 -2.78 -5.29
N ARG A 13 -16.12 -3.20 -5.23
CA ARG A 13 -15.49 -3.91 -6.34
C ARG A 13 -15.20 -5.36 -5.99
N LEU A 14 -15.87 -5.90 -4.97
CA LEU A 14 -15.70 -7.30 -4.56
C LEU A 14 -17.04 -7.78 -4.03
N GLY A 15 -17.90 -8.24 -4.94
CA GLY A 15 -19.22 -8.74 -4.58
C GLY A 15 -20.32 -7.93 -5.25
N ASP A 16 -21.47 -7.86 -4.56
CA ASP A 16 -22.62 -7.15 -5.11
C ASP A 16 -22.40 -5.65 -5.14
N GLY A 17 -21.51 -5.12 -4.31
CA GLY A 17 -21.14 -3.72 -4.40
C GLY A 17 -21.31 -2.94 -3.10
N THR A 18 -21.28 -3.63 -1.96
CA THR A 18 -21.51 -2.99 -0.67
C THR A 18 -20.62 -3.64 0.38
N ILE A 19 -20.50 -2.96 1.52
CA ILE A 19 -19.74 -3.51 2.64
C ILE A 19 -20.32 -4.86 3.06
N LYS A 20 -21.65 -4.94 3.13
CA LYS A 20 -22.28 -6.21 3.49
C LYS A 20 -21.90 -7.32 2.52
N SER A 21 -21.96 -7.03 1.22
CA SER A 21 -21.58 -8.02 0.23
C SER A 21 -20.09 -8.35 0.33
N MET A 22 -19.26 -7.32 0.47
CA MET A 22 -17.83 -7.55 0.70
C MET A 22 -17.61 -8.48 1.89
N THR A 23 -18.27 -8.18 3.01
CA THR A 23 -18.15 -9.03 4.19
C THR A 23 -18.63 -10.44 3.90
N ASP A 24 -19.67 -10.58 3.07
CA ASP A 24 -20.18 -11.90 2.72
C ASP A 24 -19.14 -12.70 1.94
N ILE A 25 -18.61 -12.12 0.87
CA ILE A 25 -17.57 -12.79 0.10
C ILE A 25 -16.40 -13.17 1.00
N LEU A 26 -16.01 -12.26 1.90
CA LEU A 26 -14.86 -12.51 2.75
C LEU A 26 -15.07 -13.74 3.64
N ARG A 27 -16.25 -13.84 4.26
CA ARG A 27 -16.52 -14.92 5.20
C ARG A 27 -16.78 -16.24 4.50
N THR A 28 -17.48 -16.21 3.37
CA THR A 28 -17.88 -17.44 2.71
C THR A 28 -16.75 -18.06 1.92
N ARG A 29 -16.07 -17.26 1.08
CA ARG A 29 -15.09 -17.79 0.14
C ARG A 29 -13.65 -17.71 0.61
N PHE A 30 -13.37 -17.10 1.76
CA PHE A 30 -11.99 -16.88 2.18
C PHE A 30 -11.82 -17.09 3.68
N ASP A 31 -12.55 -18.04 4.25
CA ASP A 31 -12.37 -18.36 5.66
C ASP A 31 -11.02 -19.04 5.86
N GLY A 32 -10.27 -18.58 6.86
CA GLY A 32 -8.95 -19.09 7.13
C GLY A 32 -7.87 -18.59 6.19
N VAL A 33 -8.25 -18.02 5.05
CA VAL A 33 -7.30 -17.46 4.09
C VAL A 33 -6.90 -16.06 4.55
N TYR A 34 -7.85 -15.14 4.47
CA TYR A 34 -7.68 -13.77 4.96
C TYR A 34 -8.54 -13.61 6.21
N ASP A 35 -7.90 -13.52 7.38
CA ASP A 35 -8.60 -13.24 8.62
C ASP A 35 -8.61 -11.75 8.94
N GLY A 36 -8.03 -10.91 8.07
CA GLY A 36 -8.07 -9.47 8.24
C GLY A 36 -8.28 -8.81 6.88
N VAL A 37 -8.61 -7.52 6.92
CA VAL A 37 -8.96 -6.83 5.68
C VAL A 37 -8.70 -5.33 5.84
N HIS A 38 -8.06 -4.76 4.82
CA HIS A 38 -7.94 -3.31 4.67
C HIS A 38 -9.03 -2.86 3.70
N ILE A 39 -10.02 -2.15 4.21
CA ILE A 39 -11.09 -1.62 3.37
C ILE A 39 -10.64 -0.26 2.84
N LEU A 40 -10.52 -0.14 1.52
CA LEU A 40 -10.13 1.13 0.93
C LEU A 40 -11.22 2.18 1.19
N PRO A 41 -10.86 3.47 1.11
CA PRO A 41 -11.79 4.52 1.58
C PRO A 41 -13.22 4.34 1.12
N PHE A 42 -14.13 4.36 2.08
CA PHE A 42 -15.56 4.11 1.87
C PHE A 42 -16.39 5.28 2.40
N PHE A 43 -15.84 6.49 2.39
CA PHE A 43 -16.48 7.65 2.98
C PHE A 43 -17.24 8.42 1.91
N THR A 44 -17.69 9.63 2.24
CA THR A 44 -18.61 10.36 1.39
C THR A 44 -17.85 11.40 0.57
N PRO A 45 -17.75 11.25 -0.77
CA PRO A 45 -18.15 10.10 -1.59
C PRO A 45 -16.99 9.12 -1.78
N PHE A 46 -17.28 7.96 -2.37
CA PHE A 46 -16.26 6.97 -2.70
C PHE A 46 -15.92 6.94 -4.18
N ASP A 47 -16.68 7.64 -5.02
CA ASP A 47 -16.53 7.58 -6.47
C ASP A 47 -16.11 8.93 -7.03
N GLY A 48 -15.27 9.65 -6.30
CA GLY A 48 -14.76 10.93 -6.73
C GLY A 48 -13.61 10.76 -7.71
N ALA A 49 -12.82 11.83 -7.85
CA ALA A 49 -11.71 11.82 -8.78
C ALA A 49 -10.63 10.81 -8.37
N ASP A 50 -10.41 10.66 -7.06
CA ASP A 50 -9.33 9.82 -6.54
C ASP A 50 -9.86 8.56 -5.84
N ALA A 51 -11.03 8.08 -6.26
CA ALA A 51 -11.57 6.79 -5.84
C ALA A 51 -11.51 6.62 -4.31
N GLY A 52 -12.11 7.57 -3.61
CA GLY A 52 -12.29 7.49 -2.18
C GLY A 52 -11.29 8.26 -1.36
N PHE A 53 -10.12 8.58 -1.91
CA PHE A 53 -9.12 9.33 -1.18
C PHE A 53 -9.33 10.83 -1.25
N ASP A 54 -10.40 11.29 -1.90
CA ASP A 54 -10.80 12.69 -1.92
C ASP A 54 -12.21 12.81 -1.37
N PRO A 55 -12.44 12.38 -0.13
CA PRO A 55 -13.79 12.47 0.44
C PRO A 55 -14.14 13.90 0.77
N ILE A 56 -15.45 14.18 0.74
CA ILE A 56 -15.95 15.47 1.20
C ILE A 56 -16.20 15.43 2.71
N ASP A 57 -16.69 14.30 3.22
CA ASP A 57 -16.93 14.10 4.65
C ASP A 57 -16.29 12.78 5.06
N HIS A 58 -15.12 12.88 5.69
CA HIS A 58 -14.36 11.72 6.12
C HIS A 58 -15.08 10.93 7.20
N THR A 59 -16.02 11.56 7.92
CA THR A 59 -16.65 10.96 9.08
C THR A 59 -17.84 10.06 8.75
N LYS A 60 -18.36 10.15 7.52
CA LYS A 60 -19.60 9.47 7.16
C LYS A 60 -19.35 8.45 6.06
N VAL A 61 -19.82 7.22 6.30
CA VAL A 61 -19.79 6.21 5.25
C VAL A 61 -20.69 6.64 4.11
N ASP A 62 -20.27 6.37 2.89
CA ASP A 62 -21.14 6.59 1.73
C ASP A 62 -22.34 5.65 1.85
N GLU A 63 -23.53 6.23 1.99
CA GLU A 63 -24.73 5.42 2.24
C GLU A 63 -24.99 4.44 1.10
N ARG A 64 -24.40 4.67 -0.08
CA ARG A 64 -24.49 3.68 -1.15
C ARG A 64 -23.73 2.41 -0.78
N LEU A 65 -22.70 2.52 0.06
CA LEU A 65 -21.90 1.37 0.46
C LEU A 65 -22.40 0.71 1.73
N GLY A 66 -22.97 1.47 2.66
CA GLY A 66 -23.49 0.91 3.89
C GLY A 66 -23.44 1.89 5.04
N SER A 67 -22.95 1.44 6.19
CA SER A 67 -22.92 2.28 7.38
C SER A 67 -21.78 1.83 8.28
N TRP A 68 -21.54 2.62 9.33
CA TRP A 68 -20.52 2.26 10.32
C TRP A 68 -20.87 0.98 11.06
N ASP A 69 -22.16 0.62 11.14
CA ASP A 69 -22.54 -0.62 11.81
C ASP A 69 -22.10 -1.83 11.00
N ASP A 70 -22.06 -1.71 9.67
CA ASP A 70 -21.50 -2.79 8.86
C ASP A 70 -20.03 -3.01 9.20
N VAL A 71 -19.28 -1.93 9.46
CA VAL A 71 -17.90 -2.06 9.88
C VAL A 71 -17.83 -2.81 11.20
N ALA A 72 -18.63 -2.38 12.17
CA ALA A 72 -18.65 -3.03 13.48
C ALA A 72 -19.01 -4.51 13.34
N GLU A 73 -19.99 -4.82 12.48
CA GLU A 73 -20.35 -6.21 12.24
C GLU A 73 -19.16 -7.01 11.75
N LEU A 74 -18.46 -6.49 10.73
CA LEU A 74 -17.31 -7.20 10.17
C LEU A 74 -16.20 -7.37 11.20
N SER A 75 -16.12 -6.47 12.18
CA SER A 75 -15.05 -6.55 13.17
C SER A 75 -15.16 -7.76 14.08
N LYS A 76 -16.34 -8.36 14.18
CA LYS A 76 -16.53 -9.53 15.05
C LYS A 76 -15.81 -10.76 14.52
N THR A 77 -15.45 -10.77 13.25
CA THR A 77 -14.74 -11.88 12.63
C THR A 77 -13.36 -11.50 12.12
N HIS A 78 -13.21 -10.31 11.56
CA HIS A 78 -11.98 -9.90 10.89
C HIS A 78 -11.41 -8.65 11.53
N ASN A 79 -10.09 -8.62 11.69
CA ASN A 79 -9.41 -7.37 12.01
C ASN A 79 -9.48 -6.44 10.81
N ILE A 80 -9.80 -5.17 11.05
CA ILE A 80 -10.09 -4.21 9.98
C ILE A 80 -9.01 -3.14 9.98
N MET A 81 -8.53 -2.81 8.78
CA MET A 81 -7.64 -1.67 8.57
C MET A 81 -8.37 -0.63 7.72
N VAL A 82 -8.23 0.65 8.10
CA VAL A 82 -8.92 1.74 7.43
C VAL A 82 -7.94 2.89 7.28
N ASP A 83 -8.18 3.71 6.24
CA ASP A 83 -7.36 4.89 5.98
C ASP A 83 -7.84 6.09 6.77
N ALA A 84 -6.89 6.85 7.29
CA ALA A 84 -7.16 8.13 7.94
C ALA A 84 -6.36 9.19 7.21
N ILE A 85 -7.06 10.06 6.47
CA ILE A 85 -6.44 11.12 5.68
C ILE A 85 -6.16 12.27 6.65
N VAL A 86 -4.90 12.41 7.06
CA VAL A 86 -4.55 13.38 8.10
C VAL A 86 -3.94 14.67 7.54
N ASN A 87 -3.43 14.64 6.31
CA ASN A 87 -2.71 15.80 5.79
C ASN A 87 -3.65 16.89 5.29
N HIS A 88 -4.80 16.53 4.75
CA HIS A 88 -5.63 17.47 3.98
C HIS A 88 -7.08 17.02 4.02
N MET A 89 -7.94 17.87 3.47
CA MET A 89 -9.36 17.56 3.37
C MET A 89 -9.96 18.34 2.20
N SER A 90 -11.22 18.04 1.89
CA SER A 90 -11.87 18.63 0.73
C SER A 90 -12.13 20.12 0.94
N TRP A 91 -11.86 20.90 -0.10
CA TRP A 91 -12.27 22.30 -0.09
C TRP A 91 -13.78 22.46 -0.06
N GLU A 92 -14.52 21.41 -0.42
CA GLU A 92 -15.97 21.43 -0.34
C GLU A 92 -16.50 21.07 1.04
N SER A 93 -15.61 20.76 1.98
CA SER A 93 -16.03 20.48 3.35
C SER A 93 -16.64 21.73 3.97
N LYS A 94 -17.52 21.51 4.94
CA LYS A 94 -18.19 22.64 5.59
C LYS A 94 -17.20 23.52 6.33
N GLN A 95 -16.12 22.92 6.84
CA GLN A 95 -15.11 23.71 7.55
C GLN A 95 -14.46 24.73 6.62
N PHE A 96 -13.99 24.28 5.46
CA PHE A 96 -13.28 25.19 4.56
C PHE A 96 -14.25 26.16 3.88
N GLN A 97 -15.45 25.69 3.52
CA GLN A 97 -16.46 26.59 2.98
C GLN A 97 -16.74 27.73 3.94
N ASP A 98 -16.72 27.44 5.24
CA ASP A 98 -16.96 28.48 6.24
C ASP A 98 -15.84 29.52 6.24
N VAL A 99 -14.60 29.08 6.04
CA VAL A 99 -13.48 30.01 6.00
C VAL A 99 -13.58 30.91 4.78
N LEU A 100 -14.05 30.38 3.65
CA LEU A 100 -14.21 31.19 2.46
C LEU A 100 -15.25 32.29 2.68
N ALA A 101 -16.34 31.96 3.37
CA ALA A 101 -17.41 32.93 3.61
C ALA A 101 -17.01 33.95 4.68
N LYS A 102 -16.56 33.47 5.83
CA LYS A 102 -16.32 34.32 6.99
C LYS A 102 -14.86 34.77 7.14
N GLY A 103 -13.94 34.17 6.37
CA GLY A 103 -12.56 34.61 6.44
C GLY A 103 -11.97 34.41 7.81
N GLU A 104 -11.28 35.46 8.31
CA GLU A 104 -10.63 35.37 9.61
C GLU A 104 -11.61 35.31 10.77
N GLU A 105 -12.87 35.71 10.54
CA GLU A 105 -13.90 35.54 11.56
C GLU A 105 -14.35 34.10 11.70
N SER A 106 -13.91 33.22 10.81
CA SER A 106 -14.42 31.85 10.79
C SER A 106 -13.90 31.05 11.97
N GLU A 107 -14.78 30.20 12.52
CA GLU A 107 -14.39 29.28 13.58
C GLU A 107 -13.21 28.42 13.15
N TYR A 108 -13.14 28.05 11.87
CA TYR A 108 -12.16 27.08 11.39
C TYR A 108 -11.00 27.73 10.63
N TYR A 109 -10.87 29.06 10.72
CA TYR A 109 -9.76 29.73 10.05
C TYR A 109 -8.40 29.18 10.46
N PRO A 110 -8.13 28.95 11.75
CA PRO A 110 -6.80 28.40 12.12
C PRO A 110 -6.57 26.98 11.63
N MET A 111 -7.63 26.31 11.16
CA MET A 111 -7.56 24.89 10.82
C MET A 111 -6.78 24.61 9.53
N PHE A 112 -6.67 25.61 8.66
CA PHE A 112 -6.10 25.41 7.32
C PHE A 112 -4.83 26.21 7.15
N LEU A 113 -3.85 25.60 6.48
CA LEU A 113 -2.52 26.19 6.30
C LEU A 113 -2.50 27.09 5.07
N THR A 114 -1.87 28.25 5.22
CA THR A 114 -1.56 29.14 4.11
C THR A 114 -0.06 29.37 4.07
N MET A 115 0.38 30.09 3.03
CA MET A 115 1.79 30.46 2.95
C MET A 115 2.19 31.31 4.16
N SER A 116 1.30 32.20 4.60
CA SER A 116 1.59 33.02 5.78
C SER A 116 1.71 32.16 7.04
N SER A 117 0.90 31.10 7.13
CA SER A 117 0.92 30.25 8.31
C SER A 117 2.32 29.71 8.58
N VAL A 118 3.04 29.35 7.51
CA VAL A 118 4.36 28.72 7.66
C VAL A 118 5.45 29.77 7.49
N PHE A 119 5.20 30.76 6.64
CA PHE A 119 6.18 31.80 6.33
C PHE A 119 5.62 33.17 6.69
N PRO A 120 5.42 33.44 7.99
CA PRO A 120 4.96 34.78 8.39
C PRO A 120 5.91 35.86 7.92
N ASN A 121 7.20 35.68 8.19
CA ASN A 121 8.24 36.39 7.48
C ASN A 121 8.38 35.76 6.10
N GLY A 122 8.69 36.60 5.11
CA GLY A 122 8.72 36.17 3.73
C GLY A 122 9.52 34.90 3.48
N ALA A 123 9.20 34.18 2.41
CA ALA A 123 9.93 32.99 2.02
C ALA A 123 10.95 33.34 0.94
N THR A 124 12.13 32.73 1.03
CA THR A 124 13.14 32.86 -0.01
C THR A 124 12.80 31.93 -1.17
N GLU A 125 13.64 31.95 -2.20
CA GLU A 125 13.52 30.97 -3.27
C GLU A 125 13.94 29.59 -2.77
N GLU A 126 15.00 29.53 -1.97
CA GLU A 126 15.44 28.25 -1.41
C GLU A 126 14.40 27.67 -0.46
N ASP A 127 13.68 28.52 0.27
CA ASP A 127 12.63 28.04 1.16
C ASP A 127 11.58 27.26 0.38
N LEU A 128 11.04 27.86 -0.68
CA LEU A 128 9.98 27.21 -1.45
C LEU A 128 10.52 26.15 -2.39
N ALA A 129 11.76 26.31 -2.88
CA ALA A 129 12.32 25.36 -3.83
C ALA A 129 12.66 24.02 -3.18
N GLY A 130 13.01 24.04 -1.90
CA GLY A 130 13.41 22.82 -1.20
C GLY A 130 12.27 21.96 -0.72
N ILE A 131 11.01 22.40 -0.89
CA ILE A 131 9.87 21.61 -0.46
C ILE A 131 9.76 20.36 -1.32
N TYR A 132 9.65 19.20 -0.69
CA TYR A 132 9.46 17.95 -1.40
C TYR A 132 8.07 17.92 -2.01
N ARG A 133 8.00 17.47 -3.27
CA ARG A 133 6.77 17.56 -4.04
C ARG A 133 6.40 16.19 -4.62
N PRO A 134 5.18 15.71 -4.38
CA PRO A 134 4.69 14.53 -5.11
C PRO A 134 4.04 14.93 -6.43
N ARG A 135 3.67 16.21 -6.54
CA ARG A 135 3.05 16.74 -7.74
C ARG A 135 3.81 17.97 -8.20
N PRO A 136 3.76 18.29 -9.49
CA PRO A 136 4.55 19.42 -10.00
C PRO A 136 4.05 20.75 -9.46
N GLY A 137 4.86 21.78 -9.70
CA GLY A 137 4.57 23.13 -9.27
C GLY A 137 4.81 23.34 -7.79
N LEU A 138 4.37 24.53 -7.31
CA LEU A 138 4.42 24.85 -5.90
C LEU A 138 3.13 24.42 -5.20
N PRO A 139 3.19 24.09 -3.90
CA PRO A 139 2.00 23.60 -3.17
C PRO A 139 1.06 24.71 -2.71
N PHE A 140 0.67 25.58 -3.65
CA PHE A 140 -0.20 26.70 -3.33
C PHE A 140 -1.23 26.90 -4.43
N THR A 141 -2.43 27.33 -4.04
CA THR A 141 -3.48 27.68 -4.98
C THR A 141 -4.26 28.85 -4.42
N HIS A 142 -5.05 29.48 -5.28
CA HIS A 142 -5.76 30.71 -4.93
C HIS A 142 -7.15 30.38 -4.39
N TYR A 143 -7.43 30.90 -3.20
CA TYR A 143 -8.76 30.87 -2.61
C TYR A 143 -9.02 32.22 -1.95
N LYS A 144 -10.28 32.65 -1.97
CA LYS A 144 -10.65 33.96 -1.45
C LYS A 144 -11.35 33.78 -0.11
N PHE A 145 -10.66 34.19 0.96
CA PHE A 145 -11.25 34.21 2.29
C PHE A 145 -12.07 35.48 2.44
N ALA A 146 -13.38 35.32 2.63
CA ALA A 146 -14.31 36.44 2.57
C ALA A 146 -14.22 37.08 1.19
N GLY A 147 -13.29 38.02 1.01
CA GLY A 147 -13.06 38.63 -0.29
C GLY A 147 -11.58 38.80 -0.58
N LYS A 148 -10.74 38.44 0.38
CA LYS A 148 -9.30 38.60 0.27
C LYS A 148 -8.68 37.35 -0.35
N THR A 149 -7.93 37.54 -1.42
CA THR A 149 -7.27 36.42 -2.10
C THR A 149 -6.14 35.88 -1.22
N ARG A 150 -6.10 34.56 -1.07
CA ARG A 150 -5.13 33.91 -0.22
C ARG A 150 -4.52 32.71 -0.93
N LEU A 151 -3.24 32.44 -0.64
CA LEU A 151 -2.54 31.27 -1.15
C LEU A 151 -2.65 30.16 -0.11
N VAL A 152 -3.47 29.17 -0.40
CA VAL A 152 -3.71 28.06 0.52
C VAL A 152 -2.74 26.94 0.18
N TRP A 153 -2.18 26.32 1.22
CA TRP A 153 -1.26 25.21 1.02
C TRP A 153 -2.02 23.98 0.54
N VAL A 154 -1.56 23.41 -0.57
CA VAL A 154 -2.16 22.21 -1.15
C VAL A 154 -1.02 21.31 -1.60
N SER A 155 -0.89 20.15 -0.96
CA SER A 155 0.20 19.23 -1.30
C SER A 155 -0.08 18.47 -2.58
N PHE A 156 -1.33 18.06 -2.81
CA PHE A 156 -1.65 17.21 -3.95
C PHE A 156 -2.46 17.97 -4.99
N THR A 157 -3.77 18.09 -4.80
CA THR A 157 -4.60 18.82 -5.75
C THR A 157 -5.10 20.12 -5.14
N PRO A 158 -5.39 21.13 -5.96
CA PRO A 158 -6.01 22.36 -5.41
C PRO A 158 -7.29 22.11 -4.67
N GLN A 159 -7.95 20.97 -4.91
CA GLN A 159 -9.22 20.66 -4.24
C GLN A 159 -9.02 20.03 -2.87
N GLN A 160 -7.78 19.70 -2.49
CA GLN A 160 -7.48 19.08 -1.20
C GLN A 160 -6.59 20.03 -0.40
N VAL A 161 -7.18 20.74 0.55
CA VAL A 161 -6.50 21.80 1.28
C VAL A 161 -5.88 21.22 2.55
N ASP A 162 -4.60 21.52 2.76
CA ASP A 162 -3.87 20.96 3.89
C ASP A 162 -4.31 21.64 5.18
N ILE A 163 -4.36 20.86 6.26
CA ILE A 163 -4.80 21.35 7.56
C ILE A 163 -3.58 21.54 8.44
N ASP A 164 -3.69 22.47 9.39
CA ASP A 164 -2.65 22.68 10.40
C ASP A 164 -2.83 21.60 11.46
N THR A 165 -1.96 20.59 11.43
CA THR A 165 -2.08 19.45 12.35
C THR A 165 -1.65 19.80 13.77
N ASP A 166 -1.15 21.01 14.00
CA ASP A 166 -0.79 21.46 15.35
C ASP A 166 -1.82 22.42 15.92
N SER A 167 -2.83 22.79 15.14
CA SER A 167 -3.90 23.65 15.61
C SER A 167 -4.95 22.84 16.36
N ASP A 168 -5.77 23.53 17.14
CA ASP A 168 -6.78 22.86 17.94
C ASP A 168 -7.92 22.32 17.07
N LYS A 169 -8.42 23.15 16.15
CA LYS A 169 -9.51 22.70 15.28
C LYS A 169 -9.05 21.55 14.39
N GLY A 170 -7.87 21.66 13.80
CA GLY A 170 -7.36 20.57 12.98
C GLY A 170 -7.21 19.28 13.77
N TRP A 171 -6.69 19.39 14.99
CA TRP A 171 -6.53 18.21 15.83
C TRP A 171 -7.89 17.67 16.26
N GLU A 172 -8.79 18.56 16.66
CA GLU A 172 -10.15 18.15 17.01
C GLU A 172 -10.79 17.37 15.86
N TYR A 173 -10.54 17.79 14.62
CA TYR A 173 -11.08 17.08 13.47
C TYR A 173 -10.47 15.68 13.35
N LEU A 174 -9.15 15.58 13.50
CA LEU A 174 -8.51 14.28 13.38
C LEU A 174 -9.01 13.32 14.45
N MET A 175 -9.28 13.82 15.66
CA MET A 175 -9.78 12.97 16.72
C MET A 175 -11.23 12.58 16.51
N SER A 176 -12.00 13.38 15.78
CA SER A 176 -13.35 12.95 15.40
C SER A 176 -13.27 11.74 14.49
N ILE A 177 -12.28 11.70 13.60
CA ILE A 177 -12.07 10.52 12.76
C ILE A 177 -11.70 9.33 13.63
N PHE A 178 -10.70 9.51 14.49
CA PHE A 178 -10.26 8.42 15.37
C PHE A 178 -11.42 7.89 16.22
N ASP A 179 -12.22 8.78 16.79
CA ASP A 179 -13.30 8.35 17.66
C ASP A 179 -14.30 7.47 16.91
N GLN A 180 -14.60 7.83 15.66
CA GLN A 180 -15.52 7.01 14.86
C GLN A 180 -14.90 5.66 14.51
N MET A 181 -13.61 5.65 14.20
CA MET A 181 -12.92 4.38 13.92
C MET A 181 -12.99 3.46 15.13
N ALA A 182 -12.65 3.97 16.31
CA ALA A 182 -12.70 3.17 17.52
C ALA A 182 -14.12 2.73 17.85
N ALA A 183 -15.11 3.58 17.56
CA ALA A 183 -16.49 3.23 17.85
C ALA A 183 -16.93 1.99 17.08
N SER A 184 -16.44 1.85 15.85
CA SER A 184 -16.79 0.70 15.01
C SER A 184 -15.77 -0.42 15.09
N HIS A 185 -14.86 -0.36 16.08
CA HIS A 185 -13.94 -1.45 16.38
C HIS A 185 -12.96 -1.70 15.22
N VAL A 186 -12.43 -0.62 14.65
CA VAL A 186 -11.33 -0.73 13.70
C VAL A 186 -10.06 -1.10 14.47
N SER A 187 -9.25 -1.96 13.88
CA SER A 187 -8.02 -2.39 14.53
C SER A 187 -6.83 -1.51 14.13
N TYR A 188 -6.67 -1.26 12.83
CA TYR A 188 -5.47 -0.62 12.31
C TYR A 188 -5.83 0.60 11.48
N ILE A 189 -5.03 1.66 11.62
CA ILE A 189 -5.26 2.92 10.92
C ILE A 189 -4.08 3.18 10.00
N ARG A 190 -4.36 3.31 8.71
CA ARG A 190 -3.36 3.64 7.70
C ARG A 190 -3.34 5.16 7.54
N LEU A 191 -2.26 5.79 8.00
CA LEU A 191 -2.16 7.25 7.99
C LEU A 191 -1.74 7.71 6.60
N ASN A 192 -2.70 8.23 5.84
CA ASN A 192 -2.45 8.60 4.46
C ASN A 192 -1.80 9.98 4.38
N ALA A 193 -0.69 10.06 3.65
CA ALA A 193 0.01 11.32 3.40
C ALA A 193 0.52 11.97 4.68
N VAL A 194 0.72 11.17 5.74
CA VAL A 194 1.22 11.75 7.00
C VAL A 194 2.61 12.34 6.82
N GLY A 195 3.39 11.82 5.88
CA GLY A 195 4.74 12.34 5.67
C GLY A 195 4.77 13.83 5.37
N TYR A 196 3.69 14.36 4.80
CA TYR A 196 3.58 15.78 4.50
C TYR A 196 2.85 16.57 5.58
N GLY A 197 2.41 15.90 6.66
CA GLY A 197 1.47 16.49 7.59
C GLY A 197 2.03 17.59 8.47
N ALA A 198 3.34 17.82 8.46
CA ALA A 198 3.96 18.84 9.30
C ALA A 198 4.77 19.78 8.42
N LYS A 199 4.53 21.09 8.58
CA LYS A 199 5.22 22.11 7.80
C LYS A 199 6.08 22.96 8.74
N GLU A 200 7.33 23.19 8.35
CA GLU A 200 8.20 24.10 9.08
C GLU A 200 9.16 24.75 8.09
N ALA A 201 9.33 26.07 8.21
CA ALA A 201 10.13 26.81 7.25
C ALA A 201 11.56 26.30 7.21
N GLY A 202 12.17 26.40 6.01
CA GLY A 202 13.54 25.96 5.82
C GLY A 202 13.73 24.48 5.63
N THR A 203 12.68 23.68 5.85
CA THR A 203 12.74 22.24 5.70
C THR A 203 12.07 21.81 4.40
N SER A 204 12.28 20.54 4.04
CA SER A 204 11.56 19.95 2.92
C SER A 204 10.09 19.73 3.24
N CYS A 205 9.68 19.93 4.49
CA CYS A 205 8.31 19.69 4.95
C CYS A 205 7.86 18.26 4.69
N PHE A 206 8.81 17.34 4.53
CA PHE A 206 8.51 15.93 4.33
C PHE A 206 9.38 15.12 5.27
N MET A 207 8.73 14.42 6.21
CA MET A 207 9.41 13.60 7.20
C MET A 207 10.53 14.36 7.89
N THR A 208 10.15 15.49 8.50
CA THR A 208 11.04 16.31 9.31
C THR A 208 10.83 15.94 10.78
N PRO A 209 11.61 16.48 11.71
CA PRO A 209 11.35 16.19 13.13
C PRO A 209 9.92 16.49 13.54
N LYS A 210 9.37 17.61 13.07
CA LYS A 210 8.00 17.96 13.39
C LYS A 210 7.03 16.90 12.89
N THR A 211 7.41 16.15 11.85
CA THR A 211 6.57 15.09 11.33
C THR A 211 6.56 13.89 12.26
N PHE A 212 7.74 13.49 12.75
CA PHE A 212 7.81 12.39 13.71
C PHE A 212 7.15 12.75 15.02
N LYS A 213 7.18 14.03 15.39
CA LYS A 213 6.45 14.49 16.56
C LYS A 213 4.94 14.38 16.36
N LEU A 214 4.48 14.48 15.11
CA LEU A 214 3.06 14.31 14.81
C LEU A 214 2.66 12.84 14.80
N ILE A 215 3.48 11.98 14.20
CA ILE A 215 3.18 10.55 14.17
C ILE A 215 3.13 9.99 15.59
N SER A 216 4.07 10.40 16.44
CA SER A 216 4.09 9.91 17.81
C SER A 216 2.88 10.40 18.59
N ARG A 217 2.44 11.63 18.32
CA ARG A 217 1.25 12.14 18.99
C ARG A 217 0.00 11.40 18.52
N LEU A 218 -0.06 11.08 17.22
CA LEU A 218 -1.17 10.27 16.70
C LEU A 218 -1.11 8.85 17.23
N ARG A 219 0.10 8.30 17.41
CA ARG A 219 0.23 6.97 18.00
C ARG A 219 -0.39 6.93 19.39
N GLU A 220 0.03 7.82 20.28
CA GLU A 220 -0.46 7.79 21.65
C GLU A 220 -1.96 8.00 21.71
N GLU A 221 -2.49 8.87 20.85
CA GLU A 221 -3.93 9.05 20.76
C GLU A 221 -4.62 7.80 20.26
N GLY A 222 -3.94 7.02 19.41
CA GLY A 222 -4.55 5.81 18.87
C GLY A 222 -4.62 4.70 19.90
N VAL A 223 -3.50 4.39 20.54
CA VAL A 223 -3.49 3.34 21.55
C VAL A 223 -4.51 3.65 22.64
N LYS A 224 -4.71 4.94 22.93
CA LYS A 224 -5.73 5.34 23.90
C LYS A 224 -7.12 4.90 23.48
N ARG A 225 -7.31 4.57 22.21
CA ARG A 225 -8.58 4.09 21.69
C ARG A 225 -8.50 2.67 21.16
N GLY A 226 -7.37 2.00 21.36
CA GLY A 226 -7.19 0.67 20.81
C GLY A 226 -6.93 0.65 19.33
N LEU A 227 -6.23 1.66 18.81
CA LEU A 227 -5.95 1.80 17.39
C LEU A 227 -4.45 1.79 17.17
N GLU A 228 -3.97 0.83 16.38
CA GLU A 228 -2.57 0.81 15.95
C GLU A 228 -2.44 1.55 14.62
N ILE A 229 -1.36 2.30 14.46
CA ILE A 229 -1.17 3.14 13.28
C ILE A 229 -0.09 2.53 12.39
N LEU A 230 -0.22 2.83 11.09
CA LEU A 230 0.70 2.39 10.06
C LEU A 230 0.92 3.57 9.12
N ILE A 231 2.17 3.83 8.74
CA ILE A 231 2.48 4.92 7.84
C ILE A 231 2.77 4.37 6.45
N GLU A 232 2.24 5.03 5.43
CA GLU A 232 2.52 4.71 4.04
C GLU A 232 3.45 5.79 3.50
N VAL A 233 4.64 5.37 3.05
CA VAL A 233 5.65 6.30 2.57
C VAL A 233 6.42 5.67 1.42
N HIS A 234 6.34 6.28 0.25
CA HIS A 234 7.19 5.92 -0.89
C HIS A 234 8.37 6.88 -0.92
N SER A 235 9.58 6.36 -0.85
CA SER A 235 10.76 7.21 -0.87
C SER A 235 12.00 6.34 -1.09
N TYR A 236 13.15 7.01 -1.16
CA TYR A 236 14.43 6.33 -1.30
C TYR A 236 14.61 5.32 -0.16
N TYR A 237 15.11 4.14 -0.50
CA TYR A 237 15.07 3.01 0.42
C TYR A 237 15.88 3.25 1.68
N LYS A 238 16.89 4.11 1.65
CA LYS A 238 17.64 4.42 2.85
C LYS A 238 16.83 5.31 3.79
N LYS A 239 16.06 6.25 3.23
CA LYS A 239 15.11 7.00 4.05
C LYS A 239 14.07 6.08 4.64
N GLN A 240 13.74 4.98 3.95
CA GLN A 240 12.73 4.05 4.44
C GLN A 240 13.21 3.33 5.69
N VAL A 241 14.48 2.91 5.71
CA VAL A 241 15.02 2.27 6.91
C VAL A 241 15.12 3.29 8.05
N GLU A 242 15.52 4.52 7.73
CA GLU A 242 15.56 5.58 8.72
C GLU A 242 14.19 5.78 9.36
N ILE A 243 13.15 5.90 8.53
CA ILE A 243 11.81 6.14 9.02
C ILE A 243 11.31 4.95 9.83
N ALA A 244 11.53 3.74 9.32
CA ALA A 244 10.98 2.55 9.97
C ALA A 244 11.52 2.35 11.38
N SER A 245 12.68 2.93 11.69
CA SER A 245 13.26 2.79 13.03
C SER A 245 12.65 3.77 14.03
N LYS A 246 11.81 4.70 13.57
CA LYS A 246 11.20 5.69 14.45
C LYS A 246 9.69 5.51 14.59
N VAL A 247 9.08 4.61 13.83
CA VAL A 247 7.63 4.41 13.85
C VAL A 247 7.34 2.95 14.15
N ASP A 248 6.06 2.65 14.36
CA ASP A 248 5.65 1.29 14.71
C ASP A 248 5.71 0.37 13.49
N ARG A 249 5.12 0.79 12.37
CA ARG A 249 5.07 -0.06 11.19
C ARG A 249 5.06 0.77 9.92
N VAL A 250 5.69 0.22 8.88
CA VAL A 250 5.76 0.82 7.56
C VAL A 250 5.36 -0.22 6.53
N TYR A 251 5.30 0.20 5.28
CA TYR A 251 5.12 -0.71 4.17
C TYR A 251 6.47 -1.12 3.59
N ASP A 252 6.54 -2.33 3.06
CA ASP A 252 7.70 -2.78 2.30
C ASP A 252 7.36 -2.57 0.83
N PHE A 253 7.75 -1.41 0.31
CA PHE A 253 7.52 -1.07 -1.09
C PHE A 253 8.65 -1.51 -2.01
N ALA A 254 9.77 -1.98 -1.45
CA ALA A 254 10.89 -2.41 -2.27
C ALA A 254 10.69 -3.82 -2.82
N LEU A 255 10.01 -4.68 -2.06
CA LEU A 255 9.94 -6.09 -2.45
C LEU A 255 9.23 -6.33 -3.78
N PRO A 256 8.11 -5.69 -4.09
CA PRO A 256 7.40 -6.02 -5.34
C PRO A 256 8.29 -5.89 -6.56
N PRO A 257 8.93 -4.72 -6.78
CA PRO A 257 9.82 -4.61 -7.93
C PRO A 257 11.06 -5.49 -7.80
N LEU A 258 11.56 -5.71 -6.59
CA LEU A 258 12.72 -6.58 -6.41
C LEU A 258 12.41 -8.00 -6.87
N LEU A 259 11.19 -8.47 -6.63
CA LEU A 259 10.82 -9.80 -7.08
C LEU A 259 10.58 -9.83 -8.59
N LEU A 260 10.09 -8.74 -9.17
CA LEU A 260 9.99 -8.67 -10.62
C LEU A 260 11.37 -8.74 -11.26
N HIS A 261 12.36 -8.09 -10.65
CA HIS A 261 13.73 -8.16 -11.14
C HIS A 261 14.26 -9.59 -11.06
N ALA A 262 14.16 -10.19 -9.88
CA ALA A 262 14.75 -11.52 -9.68
C ALA A 262 14.09 -12.56 -10.58
N LEU A 263 12.78 -12.46 -10.78
CA LEU A 263 12.09 -13.40 -11.66
C LEU A 263 12.37 -13.12 -13.13
N SER A 264 12.77 -11.90 -13.47
CA SER A 264 13.08 -11.56 -14.85
C SER A 264 14.52 -11.92 -15.21
N THR A 265 15.46 -11.76 -14.28
CA THR A 265 16.86 -12.05 -14.52
C THR A 265 17.29 -13.37 -13.89
N GLY A 266 17.18 -13.46 -12.56
CA GLY A 266 17.68 -14.62 -11.84
C GLY A 266 18.61 -14.20 -10.73
N HIS A 267 18.96 -12.91 -10.70
CA HIS A 267 19.86 -12.37 -9.69
C HIS A 267 19.12 -12.24 -8.37
N VAL A 268 19.62 -12.90 -7.34
CA VAL A 268 19.01 -12.87 -6.01
C VAL A 268 19.82 -12.06 -5.01
N GLU A 269 21.00 -11.58 -5.39
CA GLU A 269 21.79 -10.72 -4.50
C GLU A 269 20.99 -9.51 -4.05
N PRO A 270 20.31 -8.77 -4.93
CA PRO A 270 19.54 -7.60 -4.46
C PRO A 270 18.50 -7.97 -3.42
N VAL A 271 17.92 -9.17 -3.52
CA VAL A 271 16.93 -9.60 -2.54
C VAL A 271 17.61 -10.00 -1.24
N ALA A 272 18.73 -10.72 -1.33
CA ALA A 272 19.48 -11.06 -0.12
C ALA A 272 19.97 -9.81 0.59
N HIS A 273 20.40 -8.80 -0.19
CA HIS A 273 20.80 -7.54 0.39
C HIS A 273 19.63 -6.89 1.13
N TRP A 274 18.46 -6.83 0.48
CA TRP A 274 17.29 -6.20 1.08
C TRP A 274 16.85 -6.96 2.33
N THR A 275 16.85 -8.30 2.28
CA THR A 275 16.49 -9.10 3.45
C THR A 275 17.34 -8.72 4.65
N ASP A 276 18.62 -8.43 4.42
CA ASP A 276 19.54 -8.19 5.53
C ASP A 276 19.32 -6.82 6.17
N ILE A 277 18.91 -5.83 5.37
CA ILE A 277 18.81 -4.45 5.85
C ILE A 277 17.37 -3.99 6.05
N ARG A 278 16.39 -4.69 5.47
CA ARG A 278 15.03 -4.19 5.47
C ARG A 278 14.51 -4.05 6.90
N PRO A 279 13.65 -3.07 7.16
CA PRO A 279 12.93 -3.07 8.43
C PRO A 279 11.94 -4.22 8.48
N ASN A 280 11.89 -4.89 9.64
CA ASN A 280 11.02 -6.04 9.80
C ASN A 280 9.68 -5.68 10.45
N ASN A 281 9.54 -4.44 10.94
CA ASN A 281 8.26 -3.93 11.40
C ASN A 281 7.52 -3.37 10.18
N ALA A 282 7.08 -4.28 9.32
CA ALA A 282 6.59 -3.90 8.01
C ALA A 282 5.27 -4.59 7.70
N VAL A 283 4.64 -4.12 6.63
CA VAL A 283 3.51 -4.78 5.99
C VAL A 283 3.97 -5.12 4.57
N THR A 284 4.08 -6.41 4.27
CA THR A 284 4.58 -6.83 2.97
C THR A 284 3.43 -6.89 1.96
N VAL A 285 3.73 -6.48 0.73
CA VAL A 285 2.76 -6.50 -0.36
C VAL A 285 3.49 -6.86 -1.65
N LEU A 286 2.70 -7.23 -2.65
CA LEU A 286 3.15 -7.24 -4.04
C LEU A 286 2.41 -6.18 -4.83
N ASP A 287 1.09 -6.29 -4.95
CA ASP A 287 0.27 -5.29 -5.60
C ASP A 287 -0.49 -4.50 -4.55
N THR A 288 -0.85 -3.28 -4.94
CA THR A 288 -1.71 -2.42 -4.13
C THR A 288 -2.80 -1.86 -5.03
N HIS A 289 -3.60 -0.94 -4.51
CA HIS A 289 -4.60 -0.27 -5.33
C HIS A 289 -4.00 0.77 -6.27
N ASP A 290 -2.73 1.12 -6.07
CA ASP A 290 -2.01 2.00 -6.98
C ASP A 290 -1.11 1.18 -7.90
N GLY A 291 -0.33 1.87 -8.72
CA GLY A 291 0.59 1.20 -9.63
C GLY A 291 1.76 0.60 -8.88
N ILE A 292 2.60 -0.09 -9.64
CA ILE A 292 3.80 -0.72 -9.09
C ILE A 292 4.88 0.36 -8.94
N GLY A 293 5.27 0.64 -7.71
CA GLY A 293 6.28 1.65 -7.45
C GLY A 293 7.69 1.20 -7.76
N VAL A 294 8.32 1.87 -8.72
CA VAL A 294 9.71 1.61 -9.05
C VAL A 294 10.66 2.59 -8.38
N ILE A 295 10.17 3.77 -7.97
CA ILE A 295 10.95 4.77 -7.26
C ILE A 295 11.61 4.16 -6.02
N ASP A 296 11.05 3.06 -5.53
CA ASP A 296 11.46 2.49 -4.26
C ASP A 296 12.75 1.66 -4.33
N ILE A 297 13.40 1.53 -5.49
CA ILE A 297 14.56 0.64 -5.55
C ILE A 297 15.77 1.04 -6.42
N GLY A 298 15.89 2.27 -6.91
CA GLY A 298 15.15 3.47 -6.58
C GLY A 298 16.13 4.59 -6.27
N SER A 299 16.70 5.22 -7.30
CA SER A 299 17.59 6.35 -7.05
C SER A 299 16.82 7.48 -6.38
N ASP A 300 17.53 8.25 -5.56
CA ASP A 300 16.91 9.36 -4.86
C ASP A 300 16.41 10.40 -5.86
N GLN A 301 15.22 10.94 -5.60
CA GLN A 301 14.59 11.86 -6.55
C GLN A 301 15.38 13.16 -6.66
N LEU A 302 15.80 13.73 -5.52
CA LEU A 302 16.47 15.03 -5.52
C LEU A 302 17.93 14.90 -5.89
N ASP A 303 18.59 13.82 -5.46
CA ASP A 303 20.03 13.62 -5.67
C ASP A 303 20.27 12.28 -6.35
N ARG A 304 20.32 12.31 -7.68
CA ARG A 304 20.48 11.09 -8.47
C ARG A 304 21.73 10.30 -8.09
N SER A 305 22.69 10.93 -7.40
CA SER A 305 23.95 10.26 -7.09
C SER A 305 23.79 9.13 -6.09
N LEU A 306 22.69 9.09 -5.34
CA LEU A 306 22.44 8.00 -4.41
C LEU A 306 21.75 6.87 -5.16
N LYS A 307 22.48 5.79 -5.40
CA LYS A 307 21.98 4.69 -6.21
C LYS A 307 21.22 3.69 -5.35
N GLY A 308 20.20 3.08 -5.95
CA GLY A 308 19.31 2.17 -5.25
C GLY A 308 19.88 0.79 -5.06
N LEU A 309 18.98 -0.19 -4.98
CA LEU A 309 19.37 -1.58 -4.82
C LEU A 309 19.73 -2.25 -6.12
N VAL A 310 19.51 -1.58 -7.25
CA VAL A 310 20.02 -2.02 -8.56
C VAL A 310 20.39 -0.80 -9.37
N PRO A 311 21.31 -0.95 -10.32
CA PRO A 311 21.69 0.19 -11.16
C PRO A 311 20.50 0.81 -11.87
N ASP A 312 20.65 2.08 -12.25
CA ASP A 312 19.60 2.78 -12.97
C ASP A 312 19.15 2.02 -14.21
N GLU A 313 20.08 1.32 -14.86
CA GLU A 313 19.74 0.58 -16.06
C GLU A 313 18.80 -0.57 -15.75
N ASP A 314 19.01 -1.25 -14.61
CA ASP A 314 18.10 -2.31 -14.20
C ASP A 314 16.74 -1.78 -13.80
N VAL A 315 16.66 -0.52 -13.35
CA VAL A 315 15.37 0.11 -13.13
C VAL A 315 14.66 0.38 -14.44
N ASP A 316 15.40 0.90 -15.43
CA ASP A 316 14.84 1.10 -16.76
C ASP A 316 14.39 -0.21 -17.37
N ASN A 317 15.22 -1.25 -17.28
CA ASN A 317 14.84 -2.55 -17.82
C ASN A 317 13.63 -3.14 -17.11
N LEU A 318 13.45 -2.84 -15.82
CA LEU A 318 12.30 -3.35 -15.09
C LEU A 318 11.01 -2.74 -15.61
N VAL A 319 11.00 -1.43 -15.83
CA VAL A 319 9.83 -0.77 -16.41
C VAL A 319 9.52 -1.36 -17.78
N ASN A 320 10.53 -1.49 -18.64
CA ASN A 320 10.33 -2.02 -19.97
C ASN A 320 9.94 -3.49 -19.94
N THR A 321 10.49 -4.26 -19.00
CA THR A 321 10.08 -5.66 -18.86
C THR A 321 8.58 -5.77 -18.60
N ILE A 322 8.03 -4.85 -17.81
CA ILE A 322 6.60 -4.83 -17.59
C ILE A 322 5.86 -4.50 -18.88
N HIS A 323 6.37 -3.51 -19.63
CA HIS A 323 5.74 -3.14 -20.89
C HIS A 323 5.75 -4.29 -21.88
N ALA A 324 6.78 -5.14 -21.84
CA ALA A 324 6.87 -6.26 -22.77
C ALA A 324 5.97 -7.41 -22.33
N ASN A 325 6.04 -7.79 -21.04
CA ASN A 325 5.25 -8.91 -20.57
C ASN A 325 3.76 -8.67 -20.72
N THR A 326 3.31 -7.44 -20.57
CA THR A 326 1.91 -7.09 -20.82
C THR A 326 1.66 -6.70 -22.27
N HIS A 327 2.67 -6.79 -23.12
CA HIS A 327 2.52 -6.53 -24.55
C HIS A 327 1.91 -5.15 -24.81
N GLY A 328 2.41 -4.15 -24.09
CA GLY A 328 2.03 -2.78 -24.32
C GLY A 328 0.80 -2.31 -23.56
N GLU A 329 0.18 -3.16 -22.75
CA GLU A 329 -0.99 -2.74 -21.99
C GLU A 329 -0.61 -1.68 -20.95
N SER A 330 0.52 -1.87 -20.27
CA SER A 330 0.94 -0.91 -19.26
C SER A 330 1.47 0.38 -19.88
N GLN A 331 1.87 0.35 -21.16
CA GLN A 331 2.15 1.60 -21.86
C GLN A 331 0.89 2.42 -22.04
N ALA A 332 -0.20 1.77 -22.46
CA ALA A 332 -1.47 2.47 -22.60
C ALA A 332 -1.95 3.05 -21.27
N ALA A 333 -1.62 2.38 -20.16
CA ALA A 333 -2.08 2.80 -18.84
C ALA A 333 -1.14 3.82 -18.19
N THR A 334 0.16 3.67 -18.40
CA THR A 334 1.15 4.54 -17.77
C THR A 334 1.45 5.73 -18.67
N GLY A 335 1.30 6.93 -18.13
CA GLY A 335 1.66 8.13 -18.88
C GLY A 335 3.17 8.22 -19.03
N ALA A 336 3.63 8.45 -20.25
CA ALA A 336 5.06 8.50 -20.51
C ALA A 336 5.71 9.63 -19.72
N ALA A 337 6.99 9.42 -19.38
CA ALA A 337 7.76 10.39 -18.59
C ALA A 337 9.10 10.71 -19.25
N ALA A 338 9.20 10.54 -20.57
CA ALA A 338 10.42 10.82 -21.32
C ALA A 338 11.53 9.85 -20.95
N SER A 339 11.79 9.69 -19.65
CA SER A 339 12.75 8.71 -19.16
C SER A 339 12.08 7.87 -18.07
N ASN A 340 12.66 6.70 -17.81
CA ASN A 340 12.09 5.76 -16.86
C ASN A 340 12.56 5.98 -15.43
N LEU A 341 13.72 6.63 -15.24
CA LEU A 341 14.14 7.03 -13.90
C LEU A 341 13.25 8.12 -13.33
N ASP A 342 12.44 8.77 -14.16
CA ASP A 342 11.51 9.80 -13.73
C ASP A 342 10.14 9.24 -13.38
N LEU A 343 9.95 7.93 -13.49
CA LEU A 343 8.66 7.32 -13.21
C LEU A 343 8.45 7.12 -11.72
N TYR A 344 7.23 7.37 -11.26
CA TYR A 344 6.83 7.02 -9.92
C TYR A 344 6.32 5.59 -9.86
N PHE A 345 5.34 5.26 -10.71
CA PHE A 345 4.71 3.95 -10.72
C PHE A 345 4.49 3.49 -12.15
N VAL A 346 4.27 2.18 -12.29
CA VAL A 346 3.87 1.59 -13.56
C VAL A 346 2.52 0.92 -13.34
N ASN A 347 1.54 1.26 -14.19
CA ASN A 347 0.17 0.80 -14.00
C ASN A 347 -0.02 -0.55 -14.69
N SER A 348 -0.20 -1.59 -13.88
CA SER A 348 -0.48 -2.94 -14.36
C SER A 348 -0.77 -3.82 -13.16
N THR A 349 -1.54 -4.89 -13.38
CA THR A 349 -1.71 -5.89 -12.33
C THR A 349 -0.40 -6.65 -12.17
N TYR A 350 -0.17 -7.14 -10.95
CA TYR A 350 1.08 -7.86 -10.69
C TYR A 350 1.12 -9.19 -11.44
N TYR A 351 -0.04 -9.82 -11.62
CA TYR A 351 -0.10 -11.04 -12.41
C TYR A 351 0.31 -10.78 -13.86
N SER A 352 -0.20 -9.69 -14.44
CA SER A 352 0.17 -9.35 -15.82
C SER A 352 1.62 -8.91 -15.93
N ALA A 353 2.14 -8.21 -14.92
CA ALA A 353 3.54 -7.81 -14.93
C ALA A 353 4.46 -9.02 -15.06
N LEU A 354 4.01 -10.20 -14.66
CA LEU A 354 4.77 -11.43 -14.81
C LEU A 354 4.41 -12.20 -16.07
N GLY A 355 3.69 -11.57 -17.00
CA GLY A 355 3.22 -12.29 -18.17
C GLY A 355 2.23 -13.38 -17.83
N CYS A 356 1.55 -13.27 -16.69
CA CYS A 356 0.55 -14.25 -16.27
C CYS A 356 1.18 -15.63 -16.04
N ASN A 357 2.40 -15.64 -15.52
CA ASN A 357 3.11 -16.89 -15.25
C ASN A 357 2.77 -17.35 -13.84
N ASP A 358 2.12 -18.51 -13.74
CA ASP A 358 1.66 -19.00 -12.45
C ASP A 358 2.82 -19.37 -11.53
N GLN A 359 3.83 -20.07 -12.05
CA GLN A 359 4.94 -20.48 -11.22
C GLN A 359 5.68 -19.27 -10.64
N HIS A 360 5.91 -18.26 -11.48
CA HIS A 360 6.57 -17.04 -11.00
C HIS A 360 5.70 -16.33 -9.97
N TYR A 361 4.39 -16.32 -10.19
CA TYR A 361 3.51 -15.54 -9.32
C TYR A 361 3.40 -16.17 -7.93
N ILE A 362 3.16 -17.48 -7.87
CA ILE A 362 3.07 -18.15 -6.58
C ILE A 362 4.39 -18.02 -5.82
N ALA A 363 5.51 -18.04 -6.54
CA ALA A 363 6.80 -17.88 -5.87
C ALA A 363 6.92 -16.50 -5.23
N ALA A 364 6.49 -15.46 -5.95
CA ALA A 364 6.54 -14.11 -5.40
C ALA A 364 5.74 -14.04 -4.10
N ARG A 365 4.53 -14.59 -4.10
CA ARG A 365 3.73 -14.62 -2.87
C ARG A 365 4.46 -15.39 -1.77
N ALA A 366 5.05 -16.54 -2.13
CA ALA A 366 5.75 -17.34 -1.13
C ALA A 366 6.86 -16.55 -0.46
N VAL A 367 7.66 -15.83 -1.25
CA VAL A 367 8.73 -15.02 -0.68
C VAL A 367 8.15 -13.92 0.20
N GLN A 368 7.08 -13.28 -0.27
CA GLN A 368 6.41 -12.24 0.51
C GLN A 368 6.04 -12.77 1.90
N PHE A 369 5.42 -13.96 1.94
CA PHE A 369 4.94 -14.50 3.20
C PHE A 369 6.06 -14.98 4.10
N PHE A 370 7.23 -15.27 3.54
CA PHE A 370 8.34 -15.80 4.33
C PHE A 370 9.25 -14.71 4.89
N LEU A 371 9.06 -13.44 4.48
CA LEU A 371 9.87 -12.37 5.05
C LEU A 371 9.16 -11.76 6.26
N PRO A 372 9.91 -11.31 7.27
CA PRO A 372 9.28 -10.73 8.46
C PRO A 372 8.34 -9.58 8.10
N GLY A 373 7.14 -9.61 8.68
CA GLY A 373 6.14 -8.60 8.44
C GLY A 373 4.77 -9.24 8.22
N VAL A 374 3.74 -8.44 8.35
CA VAL A 374 2.36 -8.88 8.15
C VAL A 374 2.05 -8.78 6.66
N PRO A 375 1.73 -9.88 5.98
CA PRO A 375 1.45 -9.81 4.54
C PRO A 375 0.02 -9.35 4.24
N GLN A 376 -0.11 -8.60 3.16
CA GLN A 376 -1.40 -8.22 2.60
C GLN A 376 -1.47 -8.66 1.16
N VAL A 377 -2.68 -9.01 0.71
CA VAL A 377 -2.93 -9.41 -0.67
C VAL A 377 -4.02 -8.51 -1.23
N TYR A 378 -3.72 -7.80 -2.32
CA TYR A 378 -4.70 -6.95 -2.98
C TYR A 378 -5.71 -7.82 -3.72
N TYR A 379 -6.97 -7.36 -3.75
CA TYR A 379 -8.06 -8.25 -4.18
C TYR A 379 -7.88 -8.71 -5.62
N VAL A 380 -7.36 -7.85 -6.50
CA VAL A 380 -7.08 -8.28 -7.87
C VAL A 380 -6.05 -9.41 -7.85
N GLY A 381 -5.01 -9.28 -7.02
CA GLY A 381 -4.01 -10.33 -6.94
C GLY A 381 -4.50 -11.58 -6.26
N ALA A 382 -5.44 -11.44 -5.32
CA ALA A 382 -6.03 -12.61 -4.70
C ALA A 382 -6.78 -13.47 -5.71
N LEU A 383 -7.27 -12.84 -6.78
CA LEU A 383 -7.95 -13.54 -7.87
C LEU A 383 -7.05 -13.71 -9.09
N ALA A 384 -5.77 -13.39 -8.97
CA ALA A 384 -4.82 -13.48 -10.09
C ALA A 384 -5.40 -12.80 -11.33
N GLY A 385 -5.81 -11.55 -11.16
CA GLY A 385 -6.51 -10.84 -12.21
C GLY A 385 -5.59 -10.26 -13.26
N LYS A 386 -6.08 -10.24 -14.50
CA LYS A 386 -5.40 -9.62 -15.62
C LYS A 386 -5.76 -8.15 -15.71
N ASN A 387 -5.00 -7.42 -16.52
CA ASN A 387 -5.29 -6.01 -16.75
C ASN A 387 -6.69 -5.85 -17.33
N ASP A 388 -7.35 -4.77 -16.97
CA ASP A 388 -8.72 -4.48 -17.40
C ASP A 388 -8.67 -3.30 -18.38
N MET A 389 -8.59 -3.62 -19.67
CA MET A 389 -8.46 -2.58 -20.68
C MET A 389 -9.79 -1.85 -20.93
N GLU A 390 -10.92 -2.51 -20.66
CA GLU A 390 -12.21 -1.88 -20.93
C GLU A 390 -12.48 -0.76 -19.95
N LEU A 391 -12.36 -1.04 -18.65
CA LEU A 391 -12.51 0.02 -17.66
C LEU A 391 -11.49 1.13 -17.91
N LEU A 392 -10.27 0.76 -18.27
CA LEU A 392 -9.26 1.77 -18.61
C LEU A 392 -9.73 2.67 -19.75
N ARG A 393 -10.31 2.07 -20.79
CA ARG A 393 -10.79 2.86 -21.92
C ARG A 393 -12.09 3.57 -21.61
N LYS A 394 -12.82 3.16 -20.58
CA LYS A 394 -14.01 3.88 -20.16
C LYS A 394 -13.65 5.12 -19.35
N THR A 395 -12.83 4.96 -18.31
CA THR A 395 -12.55 6.03 -17.37
C THR A 395 -11.37 6.90 -17.78
N ASN A 396 -10.48 6.38 -18.63
CA ASN A 396 -9.23 7.07 -18.99
C ASN A 396 -8.36 7.31 -17.76
N ASN A 397 -8.59 6.57 -16.69
CA ASN A 397 -7.79 6.64 -15.48
C ASN A 397 -6.81 5.48 -15.48
N GLY A 398 -5.52 5.79 -15.50
CA GLY A 398 -4.51 4.76 -15.67
C GLY A 398 -4.61 3.66 -14.62
N ARG A 399 -4.84 4.03 -13.37
CA ARG A 399 -4.81 3.05 -12.29
C ARG A 399 -6.00 2.09 -12.33
N ASP A 400 -7.03 2.36 -13.14
CA ASP A 400 -8.17 1.46 -13.22
C ASP A 400 -7.83 0.14 -13.89
N ILE A 401 -6.69 0.06 -14.59
CA ILE A 401 -6.24 -1.20 -15.18
C ILE A 401 -6.09 -2.25 -14.10
N ASN A 402 -5.89 -1.84 -12.85
CA ASN A 402 -5.65 -2.74 -11.73
C ASN A 402 -6.74 -2.59 -10.66
N ARG A 403 -7.95 -2.22 -11.08
CA ARG A 403 -9.08 -1.97 -10.17
C ARG A 403 -10.36 -2.54 -10.76
N HIS A 404 -10.32 -3.80 -11.19
CA HIS A 404 -11.47 -4.40 -11.84
C HIS A 404 -12.63 -4.59 -10.86
N TYR A 405 -13.84 -4.39 -11.36
CA TYR A 405 -15.05 -4.64 -10.59
C TYR A 405 -15.39 -6.13 -10.69
N TYR A 406 -15.30 -6.84 -9.58
CA TYR A 406 -15.56 -8.28 -9.54
C TYR A 406 -16.95 -8.51 -8.95
N SER A 407 -17.88 -8.99 -9.77
CA SER A 407 -19.16 -9.48 -9.25
C SER A 407 -18.96 -10.86 -8.65
N THR A 408 -19.91 -11.27 -7.80
CA THR A 408 -19.82 -12.58 -7.16
C THR A 408 -19.66 -13.71 -8.16
N ALA A 409 -20.27 -13.58 -9.34
CA ALA A 409 -20.12 -14.59 -10.38
C ALA A 409 -18.67 -14.69 -10.81
N GLU A 410 -18.06 -13.56 -11.16
CA GLU A 410 -16.67 -13.55 -11.60
C GLU A 410 -15.73 -14.09 -10.52
N ILE A 411 -16.05 -13.85 -9.25
CA ILE A 411 -15.22 -14.34 -8.17
C ILE A 411 -15.24 -15.87 -8.12
N ASP A 412 -16.44 -16.45 -8.18
CA ASP A 412 -16.55 -17.90 -8.10
C ASP A 412 -15.98 -18.58 -9.34
N GLU A 413 -16.06 -17.94 -10.50
CA GLU A 413 -15.45 -18.49 -11.71
C GLU A 413 -13.92 -18.48 -11.58
N ASN A 414 -13.36 -17.33 -11.22
CA ASN A 414 -11.91 -17.24 -11.04
C ASN A 414 -11.42 -18.08 -9.87
N LEU A 415 -12.31 -18.43 -8.93
CA LEU A 415 -11.94 -19.30 -7.82
C LEU A 415 -11.70 -20.73 -8.26
N LYS A 416 -12.07 -21.09 -9.50
CA LYS A 416 -11.84 -22.43 -10.00
C LYS A 416 -10.42 -22.63 -10.52
N ARG A 417 -9.68 -21.55 -10.73
CA ARG A 417 -8.36 -21.66 -11.33
C ARG A 417 -7.35 -22.23 -10.32
N PRO A 418 -6.37 -23.00 -10.79
CA PRO A 418 -5.42 -23.62 -9.84
C PRO A 418 -4.49 -22.61 -9.18
N VAL A 419 -4.03 -21.59 -9.90
CA VAL A 419 -3.15 -20.60 -9.28
C VAL A 419 -3.85 -19.92 -8.12
N VAL A 420 -5.14 -19.61 -8.27
CA VAL A 420 -5.91 -19.03 -7.19
C VAL A 420 -5.99 -19.99 -6.01
N LYS A 421 -6.27 -21.26 -6.30
CA LYS A 421 -6.36 -22.25 -5.23
C LYS A 421 -5.03 -22.45 -4.53
N ALA A 422 -3.92 -22.30 -5.26
CA ALA A 422 -2.60 -22.42 -4.65
C ALA A 422 -2.33 -21.25 -3.71
N LEU A 423 -2.71 -20.04 -4.13
CA LEU A 423 -2.52 -18.88 -3.27
C LEU A 423 -3.35 -18.98 -1.99
N ASN A 424 -4.62 -19.38 -2.13
CA ASN A 424 -5.45 -19.58 -0.95
C ASN A 424 -4.83 -20.59 -0.01
N ALA A 425 -4.41 -21.75 -0.55
CA ALA A 425 -3.77 -22.77 0.28
C ALA A 425 -2.47 -22.26 0.87
N LEU A 426 -1.78 -21.34 0.18
CA LEU A 426 -0.54 -20.79 0.70
C LEU A 426 -0.79 -19.87 1.87
N ALA A 427 -1.82 -19.01 1.77
CA ALA A 427 -2.16 -18.13 2.88
C ALA A 427 -2.62 -18.92 4.10
N LYS A 428 -3.47 -19.93 3.89
CA LYS A 428 -3.85 -20.81 4.98
C LYS A 428 -2.63 -21.40 5.66
N PHE A 429 -1.70 -21.94 4.86
CA PHE A 429 -0.44 -22.44 5.41
C PHE A 429 0.28 -21.35 6.19
N ARG A 430 0.35 -20.14 5.63
CA ARG A 430 1.03 -19.03 6.30
C ARG A 430 0.34 -18.68 7.61
N ASN A 431 -0.98 -18.87 7.69
CA ASN A 431 -1.73 -18.55 8.91
C ASN A 431 -1.74 -19.70 9.90
N GLU A 432 -1.85 -20.94 9.40
CA GLU A 432 -2.11 -22.08 10.28
C GLU A 432 -0.84 -22.62 10.92
N LEU A 433 0.30 -22.58 10.22
CA LEU A 433 1.54 -23.10 10.79
C LEU A 433 2.12 -22.08 11.76
N ASP A 434 2.37 -22.52 12.99
CA ASP A 434 2.86 -21.65 14.05
C ASP A 434 4.36 -21.42 13.98
N ALA A 435 5.02 -21.84 12.89
CA ALA A 435 6.45 -21.58 12.75
C ALA A 435 6.74 -20.11 12.50
N PHE A 436 5.78 -19.38 11.94
CA PHE A 436 5.99 -17.98 11.57
C PHE A 436 5.93 -17.05 12.77
N ASP A 437 5.37 -17.49 13.90
CA ASP A 437 5.38 -16.72 15.12
C ASP A 437 6.69 -16.85 15.88
N GLY A 438 7.69 -17.51 15.30
CA GLY A 438 8.95 -17.76 15.97
C GLY A 438 10.08 -16.85 15.52
N THR A 439 11.15 -17.44 15.00
CA THR A 439 12.36 -16.72 14.66
C THR A 439 12.71 -16.94 13.19
N PHE A 440 13.26 -15.90 12.56
CA PHE A 440 13.55 -15.90 11.12
C PHE A 440 15.04 -16.00 10.88
N SER A 441 15.41 -16.77 9.85
CA SER A 441 16.80 -16.90 9.43
C SER A 441 16.81 -17.20 7.93
N TYR A 442 17.91 -16.85 7.27
CA TYR A 442 18.00 -17.04 5.82
C TYR A 442 19.43 -17.35 5.42
N THR A 443 19.57 -18.08 4.31
CA THR A 443 20.87 -18.44 3.75
C THR A 443 20.85 -18.14 2.26
N THR A 444 22.04 -17.95 1.69
CA THR A 444 22.18 -17.66 0.28
C THR A 444 23.44 -18.33 -0.27
N ASP A 445 23.41 -18.61 -1.58
CA ASP A 445 24.59 -19.09 -2.28
C ASP A 445 25.42 -17.90 -2.75
N ASP A 446 25.14 -17.39 -3.95
CA ASP A 446 25.77 -16.18 -4.45
C ASP A 446 24.79 -15.42 -5.32
N ASP A 447 24.22 -16.10 -6.31
CA ASP A 447 23.23 -15.49 -7.20
C ASP A 447 22.17 -16.50 -7.60
N THR A 448 22.48 -17.80 -7.47
CA THR A 448 21.57 -18.84 -7.93
C THR A 448 20.39 -19.01 -6.97
N SER A 449 20.67 -19.09 -5.67
CA SER A 449 19.69 -19.58 -4.71
C SER A 449 19.67 -18.73 -3.46
N ILE A 450 18.53 -18.78 -2.76
CA ILE A 450 18.38 -18.17 -1.44
C ILE A 450 17.29 -18.94 -0.70
N SER A 451 17.54 -19.23 0.57
CA SER A 451 16.62 -20.03 1.39
C SER A 451 16.13 -19.20 2.57
N PHE A 452 14.81 -19.14 2.73
CA PHE A 452 14.18 -18.45 3.85
C PHE A 452 13.70 -19.48 4.86
N THR A 453 14.13 -19.34 6.11
CA THR A 453 13.87 -20.35 7.14
C THR A 453 13.12 -19.73 8.31
N TRP A 454 12.05 -20.40 8.74
CA TRP A 454 11.34 -20.09 9.98
C TRP A 454 11.31 -21.34 10.84
N ARG A 455 11.64 -21.18 12.12
CA ARG A 455 11.64 -22.29 13.07
C ARG A 455 10.89 -21.86 14.32
N GLY A 456 9.78 -22.54 14.61
CA GLY A 456 8.97 -22.23 15.76
C GLY A 456 9.04 -23.27 16.87
N GLU A 457 7.97 -23.38 17.65
CA GLU A 457 7.95 -24.34 18.75
C GLU A 457 7.58 -25.74 18.28
N THR A 458 6.42 -25.87 17.64
CA THR A 458 5.94 -27.16 17.16
C THR A 458 6.12 -27.34 15.66
N SER A 459 6.86 -26.46 15.00
CA SER A 459 6.96 -26.54 13.55
C SER A 459 8.17 -25.77 13.04
N GLN A 460 8.58 -26.13 11.83
CA GLN A 460 9.68 -25.48 11.12
C GLN A 460 9.34 -25.47 9.63
N ALA A 461 9.94 -24.55 8.90
CA ALA A 461 9.70 -24.45 7.46
C ALA A 461 10.81 -23.66 6.79
N THR A 462 11.17 -24.07 5.58
CA THR A 462 12.21 -23.41 4.79
C THR A 462 11.74 -23.29 3.36
N LEU A 463 11.98 -22.12 2.76
CA LEU A 463 11.62 -21.85 1.36
C LEU A 463 12.89 -21.51 0.60
N THR A 464 13.25 -22.38 -0.35
CA THR A 464 14.36 -22.11 -1.26
C THR A 464 13.83 -21.52 -2.56
N PHE A 465 14.61 -20.62 -3.14
CA PHE A 465 14.13 -19.78 -4.24
C PHE A 465 15.20 -19.71 -5.32
N GLU A 466 14.95 -20.35 -6.46
CA GLU A 466 15.86 -20.37 -7.61
C GLU A 466 15.12 -19.87 -8.84
N PRO A 467 15.15 -18.57 -9.12
CA PRO A 467 14.58 -18.09 -10.39
C PRO A 467 15.37 -18.52 -11.60
N LYS A 468 16.68 -18.78 -11.45
CA LYS A 468 17.49 -19.26 -12.56
C LYS A 468 16.91 -20.52 -13.18
N ARG A 469 16.31 -21.40 -12.37
CA ARG A 469 15.85 -22.69 -12.85
C ARG A 469 14.80 -22.58 -13.94
N GLY A 470 14.11 -21.45 -14.02
CA GLY A 470 13.08 -21.28 -15.02
C GLY A 470 12.93 -19.84 -15.44
N LEU A 471 13.50 -19.48 -16.59
CA LEU A 471 13.41 -18.12 -17.11
C LEU A 471 12.43 -18.07 -18.27
N GLY A 472 11.71 -16.96 -18.37
CA GLY A 472 10.76 -16.75 -19.44
C GLY A 472 9.32 -16.63 -19.00
N VAL A 473 8.54 -15.80 -19.69
CA VAL A 473 7.14 -15.59 -19.33
C VAL A 473 6.37 -16.90 -19.41
N ASP A 474 6.68 -17.73 -20.41
CA ASP A 474 5.95 -18.96 -20.67
C ASP A 474 6.60 -20.17 -20.02
N ASN A 475 7.58 -19.97 -19.16
CA ASN A 475 8.29 -21.08 -18.52
C ASN A 475 7.46 -21.65 -17.39
N THR A 476 7.29 -22.97 -17.38
CA THR A 476 6.48 -23.65 -16.38
C THR A 476 7.31 -24.33 -15.30
N THR A 477 8.61 -24.10 -15.27
CA THR A 477 9.47 -24.77 -14.31
C THR A 477 9.28 -24.16 -12.92
N PRO A 478 8.93 -24.96 -11.91
CA PRO A 478 8.82 -24.40 -10.55
C PRO A 478 10.15 -23.81 -10.09
N VAL A 479 10.07 -22.59 -9.54
CA VAL A 479 11.25 -21.88 -9.07
C VAL A 479 11.25 -21.72 -7.55
N ALA A 480 10.46 -22.53 -6.84
CA ALA A 480 10.38 -22.43 -5.38
C ALA A 480 10.04 -23.78 -4.79
N MET A 481 10.95 -24.32 -4.00
CA MET A 481 10.73 -25.57 -3.28
C MET A 481 10.41 -25.25 -1.82
N LEU A 482 9.59 -26.10 -1.21
CA LEU A 482 9.14 -25.90 0.15
C LEU A 482 9.30 -27.18 0.97
N GLU A 483 9.93 -27.04 2.13
CA GLU A 483 10.01 -28.11 3.12
C GLU A 483 9.53 -27.56 4.46
N TRP A 484 8.88 -28.42 5.25
CA TRP A 484 8.40 -27.99 6.56
C TRP A 484 8.14 -29.20 7.43
N GLU A 485 8.17 -28.97 8.74
CA GLU A 485 8.00 -30.02 9.74
C GLU A 485 6.85 -29.64 10.67
N ASP A 486 5.98 -30.61 10.95
CA ASP A 486 4.80 -30.35 11.77
C ASP A 486 4.48 -31.63 12.55
N SER A 487 3.23 -31.77 12.98
CA SER A 487 2.81 -32.95 13.72
C SER A 487 3.11 -34.22 12.94
N ALA A 488 2.88 -34.20 11.63
CA ALA A 488 3.08 -35.36 10.78
C ALA A 488 4.52 -35.50 10.29
N GLY A 489 5.47 -34.86 10.98
CA GLY A 489 6.87 -35.02 10.63
C GLY A 489 7.30 -34.13 9.48
N ASP A 490 8.35 -34.56 8.78
CA ASP A 490 8.93 -33.79 7.70
C ASP A 490 8.14 -34.02 6.41
N HIS A 491 7.94 -32.94 5.65
CA HIS A 491 7.22 -32.99 4.39
C HIS A 491 7.92 -32.09 3.38
N ARG A 492 7.48 -32.17 2.13
CA ARG A 492 8.13 -31.46 1.05
C ARG A 492 7.12 -31.11 -0.03
N SER A 493 7.42 -30.04 -0.77
CA SER A 493 6.61 -29.64 -1.92
C SER A 493 7.53 -28.94 -2.91
N ASP A 494 7.74 -29.57 -4.07
CA ASP A 494 8.56 -29.00 -5.13
C ASP A 494 7.74 -28.21 -6.15
N ASP A 495 6.42 -28.22 -6.02
CA ASP A 495 5.54 -27.49 -6.94
C ASP A 495 4.37 -26.96 -6.11
N LEU A 496 4.33 -25.63 -5.93
CA LEU A 496 3.34 -25.03 -5.05
C LEU A 496 1.99 -24.80 -5.72
N ILE A 497 1.87 -25.06 -7.02
CA ILE A 497 0.59 -24.94 -7.70
C ILE A 497 -0.11 -26.30 -7.70
N ALA A 498 0.55 -27.30 -8.28
CA ALA A 498 -0.04 -28.63 -8.37
C ALA A 498 -0.04 -29.33 -7.01
N ASN A 499 1.00 -29.09 -6.21
CA ASN A 499 1.15 -29.73 -4.90
C ASN A 499 1.17 -28.65 -3.82
N PRO A 500 0.01 -28.00 -3.58
CA PRO A 500 0.00 -26.93 -2.58
C PRO A 500 0.15 -27.51 -1.19
N PRO A 501 0.78 -26.75 -0.27
CA PRO A 501 1.07 -27.30 1.06
C PRO A 501 -0.14 -27.29 1.98
N VAL A 502 -0.12 -28.22 2.94
CA VAL A 502 -1.16 -28.37 3.95
C VAL A 502 -0.48 -28.62 5.30
N VAL A 503 -1.20 -28.28 6.37
CA VAL A 503 -0.69 -28.42 7.72
C VAL A 503 -1.49 -29.48 8.46
N ALA A 504 -0.85 -30.12 9.43
CA ALA A 504 -1.50 -31.12 10.26
C ALA A 504 -2.21 -30.48 11.46
#